data_6GP7
#
_entry.id   6GP7
#
_cell.length_a   31.472
_cell.length_b   53.753
_cell.length_c   85.912
_cell.angle_alpha   90.000
_cell.angle_beta   90.000
_cell.angle_gamma   90.000
#
_symmetry.space_group_name_H-M   'P 21 21 21'
#
loop_
_entity.id
_entity.type
_entity.pdbx_description
1 polymer 'Cell cycle protein GpsB'
2 polymer PBP1A
3 non-polymer 'MAGNESIUM ION'
4 water water
#
loop_
_entity_poly.entity_id
_entity_poly.type
_entity_poly.pdbx_seq_one_letter_code
_entity_poly.pdbx_strand_id
1 'polypeptide(L)' GHMKVKLSAKEILEKEFKTGVRGYKQEDVDKFLDMIIKDYETFHQEIEELQQENLQLKKQLEE B,A
2 'polypeptide(L)' MSDQFNSREARRKANSK D
#
loop_
_chem_comp.id
_chem_comp.type
_chem_comp.name
_chem_comp.formula
MG non-polymer 'MAGNESIUM ION' 'Mg 2'
#
# COMPACT_ATOMS: atom_id res chain seq x y z
N LYS A 4 -8.26 11.80 0.57
CA LYS A 4 -8.44 10.37 0.38
C LYS A 4 -7.09 9.65 0.49
N VAL A 5 -6.83 8.76 -0.44
CA VAL A 5 -5.56 8.03 -0.47
C VAL A 5 -4.51 8.89 -1.14
N LYS A 6 -3.32 8.94 -0.55
CA LYS A 6 -2.30 9.87 -1.04
C LYS A 6 -1.44 9.27 -2.14
N LEU A 7 -1.08 8.00 -2.01
CA LEU A 7 -0.23 7.35 -2.99
C LEU A 7 -1.04 6.34 -3.82
N SER A 8 -0.36 5.73 -4.78
CA SER A 8 -0.91 4.67 -5.59
C SER A 8 0.18 3.63 -5.77
N ALA A 9 -0.20 2.44 -6.24
CA ALA A 9 0.79 1.41 -6.51
C ALA A 9 1.81 1.89 -7.54
N LYS A 10 1.34 2.59 -8.58
CA LYS A 10 2.23 3.10 -9.62
C LYS A 10 3.23 4.11 -9.06
N GLU A 11 2.75 5.04 -8.22
CA GLU A 11 3.62 6.04 -7.62
C GLU A 11 4.68 5.40 -6.71
N ILE A 12 4.30 4.37 -5.97
CA ILE A 12 5.29 3.68 -5.13
C ILE A 12 6.30 2.91 -6.00
N LEU A 13 5.83 2.30 -7.09
CA LEU A 13 6.75 1.62 -7.99
C LEU A 13 7.80 2.57 -8.54
N GLU A 14 7.39 3.77 -8.95
CA GLU A 14 8.25 4.66 -9.70
C GLU A 14 9.01 5.65 -8.83
N LYS A 15 8.78 5.62 -7.52
CA LYS A 15 9.45 6.54 -6.60
C LYS A 15 10.96 6.36 -6.61
N GLU A 16 11.68 7.46 -6.80
CA GLU A 16 13.14 7.45 -6.70
C GLU A 16 13.55 8.22 -5.44
N PHE A 17 14.23 7.52 -4.53
CA PHE A 17 14.81 8.14 -3.35
C PHE A 17 16.23 8.62 -3.65
N LYS A 18 16.57 9.80 -3.15
CA LYS A 18 17.96 10.20 -3.21
C LYS A 18 18.75 9.33 -2.23
N THR A 19 20.06 9.33 -2.42
CA THR A 19 20.95 8.50 -1.63
C THR A 19 21.75 9.37 -0.67
N GLY A 20 22.36 8.70 0.30
CA GLY A 20 23.23 9.39 1.24
C GLY A 20 24.04 8.37 2.00
N VAL A 21 25.00 8.88 2.76
CA VAL A 21 25.84 8.04 3.60
C VAL A 21 24.97 7.35 4.65
N ARG A 22 25.23 6.07 4.90
CA ARG A 22 24.48 5.29 5.88
C ARG A 22 22.98 5.29 5.59
N GLY A 23 22.62 5.43 4.33
CA GLY A 23 21.24 5.27 3.95
C GLY A 23 20.81 3.83 4.09
N TYR A 24 19.50 3.60 4.00
CA TYR A 24 18.98 2.24 4.07
C TYR A 24 19.43 1.46 2.85
N LYS A 25 19.80 0.20 3.07
CA LYS A 25 20.20 -0.67 1.96
C LYS A 25 19.09 -0.76 0.92
N GLN A 26 19.41 -0.48 -0.34
CA GLN A 26 18.39 -0.37 -1.38
C GLN A 26 17.61 -1.66 -1.55
N GLU A 27 18.29 -2.80 -1.47
CA GLU A 27 17.60 -4.07 -1.65
C GLU A 27 16.55 -4.28 -0.57
N ASP A 28 16.88 -3.98 0.69
CA ASP A 28 15.91 -4.09 1.78
C ASP A 28 14.70 -3.22 1.54
N VAL A 29 14.91 -1.96 1.16
CA VAL A 29 13.79 -1.04 0.99
C VAL A 29 12.95 -1.44 -0.22
N ASP A 30 13.60 -1.86 -1.32
CA ASP A 30 12.83 -2.12 -2.53
C ASP A 30 12.03 -3.41 -2.41
N LYS A 31 12.58 -4.43 -1.75
CA LYS A 31 11.79 -5.64 -1.52
C LYS A 31 10.60 -5.38 -0.62
N PHE A 32 10.77 -4.51 0.38
CA PHE A 32 9.67 -4.17 1.28
C PHE A 32 8.60 -3.35 0.58
N LEU A 33 9.00 -2.38 -0.25
CA LEU A 33 8.01 -1.58 -0.97
C LEU A 33 7.29 -2.40 -2.04
N ASP A 34 7.94 -3.44 -2.59
CA ASP A 34 7.23 -4.33 -3.52
C ASP A 34 6.08 -5.07 -2.84
N MET A 35 6.24 -5.39 -1.56
CA MET A 35 5.12 -6.00 -0.84
C MET A 35 4.02 -4.97 -0.61
N ILE A 36 4.39 -3.74 -0.27
CA ILE A 36 3.40 -2.68 -0.12
C ILE A 36 2.65 -2.44 -1.44
N ILE A 37 3.36 -2.50 -2.58
CA ILE A 37 2.72 -2.32 -3.87
C ILE A 37 1.66 -3.38 -4.11
N LYS A 38 1.97 -4.64 -3.79
CA LYS A 38 0.97 -5.69 -3.95
C LYS A 38 -0.23 -5.44 -3.04
N ASP A 39 0.03 -4.92 -1.83
CA ASP A 39 -1.07 -4.59 -0.93
C ASP A 39 -1.97 -3.50 -1.50
N TYR A 40 -1.39 -2.44 -2.05
CA TYR A 40 -2.21 -1.39 -2.66
C TYR A 40 -3.12 -1.98 -3.73
N GLU A 41 -2.58 -2.89 -4.54
CA GLU A 41 -3.39 -3.54 -5.57
C GLU A 41 -4.50 -4.36 -4.95
N THR A 42 -4.20 -5.08 -3.87
CA THR A 42 -5.20 -5.89 -3.19
C THR A 42 -6.31 -5.02 -2.61
N PHE A 43 -5.91 -3.92 -1.96
CA PHE A 43 -6.87 -2.98 -1.37
C PHE A 43 -7.81 -2.42 -2.43
N HIS A 44 -7.26 -1.99 -3.56
CA HIS A 44 -8.09 -1.38 -4.60
C HIS A 44 -9.03 -2.39 -5.23
N GLN A 45 -8.54 -3.62 -5.45
CA GLN A 45 -9.41 -4.64 -6.02
C GLN A 45 -10.56 -4.97 -5.08
N GLU A 46 -10.28 -5.08 -3.78
CA GLU A 46 -11.34 -5.36 -2.83
C GLU A 46 -12.36 -4.22 -2.79
N ILE A 47 -11.89 -2.98 -2.81
CA ILE A 47 -12.80 -1.84 -2.80
C ILE A 47 -13.66 -1.83 -4.05
N GLU A 48 -13.06 -2.03 -5.22
CA GLU A 48 -13.85 -2.10 -6.44
C GLU A 48 -14.86 -3.22 -6.39
N GLU A 49 -14.47 -4.40 -5.88
CA GLU A 49 -15.43 -5.50 -5.74
C GLU A 49 -16.58 -5.09 -4.84
N LEU A 50 -16.28 -4.46 -3.72
CA LEU A 50 -17.33 -4.09 -2.77
C LEU A 50 -18.20 -2.97 -3.32
N GLN A 51 -17.59 -1.98 -3.98
CA GLN A 51 -18.38 -0.92 -4.59
C GLN A 51 -19.32 -1.47 -5.66
N GLN A 52 -18.87 -2.47 -6.41
CA GLN A 52 -19.75 -3.08 -7.40
C GLN A 52 -20.87 -3.88 -6.74
N GLU A 53 -20.55 -4.64 -5.69
CA GLU A 53 -21.59 -5.36 -4.98
C GLU A 53 -22.60 -4.39 -4.38
N ASN A 54 -22.11 -3.35 -3.70
CA ASN A 54 -22.97 -2.31 -3.14
C ASN A 54 -23.93 -1.76 -4.18
N LEU A 55 -23.41 -1.49 -5.38
CA LEU A 55 -24.27 -0.96 -6.43
C LEU A 55 -25.33 -1.97 -6.85
N GLN A 56 -24.94 -3.24 -7.00
CA GLN A 56 -25.90 -4.26 -7.43
C GLN A 56 -26.96 -4.51 -6.36
N LEU A 57 -26.57 -4.50 -5.08
CA LEU A 57 -27.55 -4.67 -4.01
C LEU A 57 -28.53 -3.52 -4.01
N LYS A 58 -28.04 -2.29 -4.19
CA LYS A 58 -28.92 -1.13 -4.25
C LYS A 58 -29.91 -1.27 -5.40
N LYS A 59 -29.43 -1.62 -6.59
CA LYS A 59 -30.33 -1.75 -7.74
C LYS A 59 -31.42 -2.78 -7.50
N GLN A 60 -31.07 -3.91 -6.86
CA GLN A 60 -32.06 -4.94 -6.59
C GLN A 60 -33.08 -4.50 -5.53
N LEU A 61 -32.75 -3.50 -4.71
CA LEU A 61 -33.70 -3.02 -3.73
C LEU A 61 -34.76 -2.12 -4.36
N GLU A 62 -34.39 -1.33 -5.36
CA GLU A 62 -35.37 -0.44 -5.97
C GLU A 62 -36.12 -1.14 -7.10
N LYS B 4 -4.57 -12.21 2.49
CA LYS B 4 -4.72 -11.32 1.33
C LYS B 4 -3.70 -10.19 1.42
N VAL B 5 -3.86 -9.32 2.39
CA VAL B 5 -2.93 -8.23 2.62
C VAL B 5 -1.74 -8.74 3.41
N LYS B 6 -0.53 -8.40 2.96
CA LYS B 6 0.72 -8.88 3.55
C LYS B 6 1.19 -8.03 4.72
N LEU B 7 1.06 -6.72 4.66
CA LEU B 7 1.63 -5.87 5.68
C LEU B 7 0.54 -5.15 6.46
N SER B 8 0.95 -4.23 7.33
CA SER B 8 0.04 -3.48 8.18
C SER B 8 0.78 -2.26 8.65
N ALA B 9 0.03 -1.29 9.17
CA ALA B 9 0.66 -0.12 9.78
C ALA B 9 1.73 -0.53 10.79
N LYS B 10 1.42 -1.51 11.64
CA LYS B 10 2.36 -1.86 12.70
C LYS B 10 3.57 -2.61 12.13
N GLU B 11 3.36 -3.46 11.13
CA GLU B 11 4.49 -4.13 10.50
C GLU B 11 5.41 -3.15 9.79
N ILE B 12 4.86 -2.07 9.23
CA ILE B 12 5.72 -1.08 8.58
C ILE B 12 6.53 -0.31 9.61
N LEU B 13 5.90 0.06 10.74
CA LEU B 13 6.63 0.75 11.81
C LEU B 13 7.75 -0.13 12.36
N GLU B 14 7.49 -1.43 12.50
CA GLU B 14 8.46 -2.32 13.12
C GLU B 14 9.61 -2.68 12.18
N LYS B 15 9.43 -2.53 10.88
CA LYS B 15 10.42 -2.96 9.91
C LYS B 15 11.75 -2.24 10.11
N GLU B 16 12.83 -3.02 10.24
CA GLU B 16 14.19 -2.50 10.30
C GLU B 16 14.87 -2.71 8.96
N PHE B 17 15.63 -1.73 8.51
CA PHE B 17 16.39 -1.85 7.29
C PHE B 17 17.88 -1.84 7.60
N LYS B 18 18.63 -2.73 6.97
CA LYS B 18 20.07 -2.62 7.06
C LYS B 18 20.52 -1.32 6.40
N THR B 19 21.67 -0.82 6.83
CA THR B 19 22.25 0.33 6.16
C THR B 19 23.48 -0.09 5.38
N GLY B 20 23.88 0.74 4.41
CA GLY B 20 25.11 0.53 3.69
C GLY B 20 26.02 1.73 3.87
N VAL B 21 27.23 1.62 3.34
CA VAL B 21 28.07 2.81 3.21
C VAL B 21 27.26 3.93 2.57
N ARG B 22 26.53 3.60 1.51
CA ARG B 22 25.53 4.48 0.96
C ARG B 22 24.22 3.70 0.83
N GLY B 23 23.11 4.41 0.84
CA GLY B 23 21.82 3.80 0.62
C GLY B 23 20.80 4.88 0.38
N TYR B 24 19.53 4.49 0.34
CA TYR B 24 18.47 5.48 0.25
C TYR B 24 18.45 6.37 1.50
N LYS B 25 18.36 7.68 1.30
CA LYS B 25 18.34 8.62 2.41
C LYS B 25 17.25 8.25 3.41
N GLN B 26 17.64 8.08 4.67
CA GLN B 26 16.71 7.52 5.65
C GLN B 26 15.52 8.44 5.89
N GLU B 27 15.78 9.76 5.91
CA GLU B 27 14.71 10.72 6.11
C GLU B 27 13.64 10.58 5.03
N ASP B 28 14.06 10.47 3.77
CA ASP B 28 13.12 10.41 2.66
C ASP B 28 12.32 9.11 2.66
N VAL B 29 12.98 7.99 2.94
CA VAL B 29 12.27 6.71 3.01
C VAL B 29 11.23 6.75 4.13
N ASP B 30 11.63 7.22 5.32
CA ASP B 30 10.71 7.23 6.46
C ASP B 30 9.50 8.11 6.19
N LYS B 31 9.73 9.30 5.61
CA LYS B 31 8.60 10.19 5.34
C LYS B 31 7.67 9.57 4.32
N PHE B 32 8.21 8.79 3.37
CA PHE B 32 7.37 8.07 2.40
C PHE B 32 6.57 6.97 3.10
N LEU B 33 7.20 6.23 4.00
CA LEU B 33 6.52 5.18 4.76
C LEU B 33 5.42 5.76 5.64
N ASP B 34 5.60 6.99 6.13
CA ASP B 34 4.56 7.65 6.94
C ASP B 34 3.28 7.88 6.11
N MET B 35 3.42 8.29 4.86
CA MET B 35 2.27 8.44 3.99
C MET B 35 1.64 7.09 3.69
N ILE B 36 2.46 6.05 3.50
CA ILE B 36 1.93 4.72 3.23
C ILE B 36 1.11 4.20 4.41
N ILE B 37 1.61 4.44 5.63
CA ILE B 37 0.87 4.03 6.83
C ILE B 37 -0.49 4.71 6.89
N LYS B 38 -0.53 5.99 6.54
CA LYS B 38 -1.80 6.71 6.53
C LYS B 38 -2.73 6.12 5.48
N ASP B 39 -2.19 5.71 4.33
CA ASP B 39 -3.02 5.07 3.31
C ASP B 39 -3.56 3.72 3.77
N TYR B 40 -2.76 2.93 4.50
CA TYR B 40 -3.30 1.66 5.01
C TYR B 40 -4.50 1.89 5.91
N GLU B 41 -4.45 2.94 6.72
CA GLU B 41 -5.59 3.29 7.57
C GLU B 41 -6.80 3.66 6.73
N THR B 42 -6.59 4.48 5.69
CA THR B 42 -7.68 4.90 4.83
C THR B 42 -8.30 3.72 4.09
N PHE B 43 -7.47 2.82 3.54
CA PHE B 43 -8.00 1.63 2.88
C PHE B 43 -8.87 0.82 3.83
N HIS B 44 -8.38 0.58 5.05
CA HIS B 44 -9.14 -0.26 5.99
C HIS B 44 -10.46 0.39 6.36
N GLN B 45 -10.47 1.70 6.57
CA GLN B 45 -11.71 2.39 6.89
C GLN B 45 -12.69 2.34 5.72
N GLU B 46 -12.18 2.52 4.49
CA GLU B 46 -13.07 2.46 3.34
C GLU B 46 -13.66 1.06 3.19
N ILE B 47 -12.83 0.04 3.31
CA ILE B 47 -13.30 -1.34 3.19
C ILE B 47 -14.29 -1.65 4.31
N GLU B 48 -14.02 -1.16 5.52
CA GLU B 48 -14.92 -1.47 6.63
C GLU B 48 -16.27 -0.79 6.44
N GLU B 49 -16.28 0.45 5.98
CA GLU B 49 -17.55 1.11 5.68
C GLU B 49 -18.34 0.32 4.64
N LEU B 50 -17.68 -0.06 3.54
CA LEU B 50 -18.39 -0.77 2.47
C LEU B 50 -18.93 -2.11 2.93
N GLN B 51 -18.18 -2.83 3.77
CA GLN B 51 -18.63 -4.13 4.27
C GLN B 51 -19.87 -3.99 5.15
N GLN B 52 -19.87 -2.99 6.05
CA GLN B 52 -21.04 -2.76 6.88
C GLN B 52 -22.24 -2.41 6.03
N GLU B 53 -22.04 -1.56 5.01
CA GLU B 53 -23.14 -1.14 4.16
C GLU B 53 -23.71 -2.31 3.36
N ASN B 54 -22.83 -3.11 2.76
CA ASN B 54 -23.30 -4.27 2.01
C ASN B 54 -23.99 -5.27 2.93
N LEU B 55 -23.50 -5.43 4.16
CA LEU B 55 -24.18 -6.31 5.12
C LEU B 55 -25.58 -5.80 5.39
N GLN B 56 -25.73 -4.51 5.69
CA GLN B 56 -27.05 -3.96 5.94
C GLN B 56 -27.96 -4.10 4.73
N LEU B 57 -27.42 -3.87 3.53
CA LEU B 57 -28.22 -4.03 2.33
C LEU B 57 -28.63 -5.48 2.14
N LYS B 58 -27.71 -6.41 2.36
CA LYS B 58 -28.02 -7.83 2.22
C LYS B 58 -29.11 -8.26 3.19
N LYS B 59 -29.17 -7.62 4.35
CA LYS B 59 -30.26 -7.91 5.29
C LYS B 59 -31.60 -7.46 4.72
N GLN B 60 -31.63 -6.36 3.96
CA GLN B 60 -32.91 -5.86 3.45
C GLN B 60 -33.47 -6.77 2.36
N LEU B 61 -32.62 -7.48 1.64
CA LEU B 61 -33.10 -8.35 0.56
C LEU B 61 -33.65 -9.68 1.06
N PHE C 5 9.44 -2.27 -16.16
CA PHE C 5 9.64 -3.03 -14.92
C PHE C 5 8.36 -3.15 -14.12
N ASN C 6 8.07 -4.37 -13.65
CA ASN C 6 6.91 -4.60 -12.80
C ASN C 6 7.22 -4.61 -11.31
N SER C 7 8.50 -4.51 -10.92
CA SER C 7 8.84 -4.49 -9.50
C SER C 7 10.01 -3.54 -9.27
N ARG C 8 10.05 -2.97 -8.06
CA ARG C 8 11.19 -2.15 -7.67
C ARG C 8 12.47 -2.96 -7.64
N GLU C 9 12.39 -4.20 -7.15
CA GLU C 9 13.61 -5.00 -6.99
C GLU C 9 14.20 -5.36 -8.35
N ALA C 10 13.34 -5.64 -9.34
CA ALA C 10 13.85 -5.97 -10.67
C ALA C 10 14.51 -4.76 -11.32
N ARG C 11 13.96 -3.57 -11.10
CA ARG C 11 14.63 -2.36 -11.56
C ARG C 11 15.97 -2.14 -10.86
N ARG C 12 16.01 -2.35 -9.53
CA ARG C 12 17.25 -2.17 -8.78
C ARG C 12 18.35 -3.10 -9.27
N LYS C 13 18.00 -4.37 -9.52
CA LYS C 13 18.99 -5.33 -10.00
C LYS C 13 19.53 -4.92 -11.37
N ALA C 14 18.63 -4.58 -12.30
CA ALA C 14 19.06 -4.21 -13.64
C ALA C 14 19.97 -2.99 -13.61
N ASN C 15 19.67 -2.03 -12.75
CA ASN C 15 20.56 -0.91 -12.54
C ASN C 15 21.76 -1.37 -11.72
MG MG D . 18.99 1.13 -15.88
#